data_2OKV
#
_entry.id   2OKV
#
_cell.length_a   77.813
_cell.length_b   77.813
_cell.length_c   106.423
_cell.angle_alpha   90.00
_cell.angle_beta   90.00
_cell.angle_gamma   120.00
#
_symmetry.space_group_name_H-M   'P 31'
#
loop_
_entity.id
_entity.type
_entity.pdbx_description
1 polymer 'Probable D-tyrosyl-tRNA(Tyr) deacylase 1'
2 non-polymer 'MAGNESIUM ION'
3 water water
#
_entity_poly.entity_id   1
_entity_poly.type   'polypeptide(L)'
_entity_poly.pdbx_seq_one_letter_code
;MKAVVQRVTRASVTVGGEQISAIGRGICVLLGISLEDTQKELEHMVRKILNLRVFEDESGKHWSKSVMDKQYEILCVSQF
TLQCVLKGNKPDFHLAMPTEQAEGFYNSFLEQLRKTYRPELIKDGKFGAYMQVHIQNDGPVTIELESPAPGTATSDPKQL
SKLEKQQQRKEKTRAKGPSESSKERNTPRKEDRSASSGAEGDVSSEREP
;
_entity_poly.pdbx_strand_id   A,B,C,D
#
# COMPACT_ATOMS: atom_id res chain seq x y z
N MET A 1 -16.64 25.57 -19.93
CA MET A 1 -16.39 24.10 -19.99
C MET A 1 -15.51 23.69 -18.82
N LYS A 2 -15.87 22.59 -18.17
CA LYS A 2 -15.12 22.11 -17.01
C LYS A 2 -14.73 20.65 -17.19
N ALA A 3 -13.59 20.26 -16.65
CA ALA A 3 -13.16 18.88 -16.67
C ALA A 3 -12.52 18.49 -15.35
N VAL A 4 -12.73 17.26 -14.92
CA VAL A 4 -11.92 16.63 -13.86
C VAL A 4 -11.09 15.55 -14.51
N VAL A 5 -9.77 15.67 -14.36
CA VAL A 5 -8.86 14.74 -15.00
C VAL A 5 -8.24 13.89 -13.90
N GLN A 6 -8.35 12.57 -14.03
CA GLN A 6 -7.71 11.65 -13.09
C GLN A 6 -6.68 10.79 -13.81
N ARG A 7 -5.45 10.80 -13.31
CA ARG A 7 -4.40 9.90 -13.82
C ARG A 7 -4.78 8.48 -13.42
N VAL A 8 -4.72 7.53 -14.35
CA VAL A 8 -5.18 6.17 -14.06
C VAL A 8 -4.14 5.11 -14.41
N THR A 9 -4.12 4.01 -13.66
CA THR A 9 -3.43 2.85 -14.16
C THR A 9 -4.32 1.99 -15.06
N ARG A 10 -5.64 2.07 -14.86
CA ARG A 10 -6.64 1.55 -15.78
C ARG A 10 -7.99 2.20 -15.48
N ALA A 11 -8.91 2.14 -16.44
CA ALA A 11 -10.24 2.69 -16.21
C ALA A 11 -11.16 2.01 -17.20
N SER A 12 -12.44 1.91 -16.85
CA SER A 12 -13.41 1.21 -17.66
C SER A 12 -14.82 1.73 -17.42
N VAL A 13 -15.72 1.38 -18.34
CA VAL A 13 -17.13 1.77 -18.24
C VAL A 13 -17.96 0.54 -18.45
N THR A 14 -18.89 0.34 -17.51
CA THR A 14 -19.90 -0.69 -17.60
C THR A 14 -21.29 -0.05 -17.75
N VAL A 15 -22.13 -0.62 -18.62
CA VAL A 15 -23.56 -0.27 -18.71
C VAL A 15 -24.35 -1.59 -18.65
N GLY A 16 -25.30 -1.67 -17.73
CA GLY A 16 -26.12 -2.88 -17.58
C GLY A 16 -25.30 -4.11 -17.26
N GLY A 17 -24.16 -3.90 -16.59
CA GLY A 17 -23.32 -5.01 -16.18
C GLY A 17 -22.24 -5.36 -17.19
N GLU A 18 -22.32 -4.82 -18.41
CA GLU A 18 -21.35 -5.13 -19.46
C GLU A 18 -20.31 -4.04 -19.64
N GLN A 19 -19.05 -4.46 -19.63
CA GLN A 19 -17.95 -3.50 -19.78
C GLN A 19 -17.83 -3.11 -21.24
N ILE A 20 -18.19 -1.87 -21.55
CA ILE A 20 -18.30 -1.41 -22.94
C ILE A 20 -17.07 -0.66 -23.45
N SER A 21 -16.14 -0.38 -22.56
CA SER A 21 -14.99 0.42 -22.87
C SER A 21 -13.99 0.27 -21.73
N ALA A 22 -12.69 0.23 -22.06
CA ALA A 22 -11.62 0.23 -21.06
C ALA A 22 -10.32 0.74 -21.66
N ILE A 23 -9.50 1.40 -20.84
CA ILE A 23 -8.10 1.73 -21.17
C ILE A 23 -7.11 1.22 -20.11
N GLY A 24 -5.84 1.20 -20.46
CA GLY A 24 -4.76 0.97 -19.49
C GLY A 24 -4.29 2.30 -18.92
N ARG A 25 -2.99 2.45 -18.77
CA ARG A 25 -2.43 3.69 -18.21
C ARG A 25 -2.76 4.91 -19.07
N GLY A 26 -3.06 6.01 -18.41
CA GLY A 26 -3.42 7.27 -19.06
C GLY A 26 -4.24 8.14 -18.15
N ILE A 27 -5.27 8.78 -18.70
CA ILE A 27 -6.13 9.69 -17.91
C ILE A 27 -7.59 9.37 -18.17
N CYS A 28 -8.42 9.52 -17.14
CA CYS A 28 -9.86 9.48 -17.30
C CYS A 28 -10.35 10.92 -17.15
N VAL A 29 -11.04 11.42 -18.18
CA VAL A 29 -11.49 12.80 -18.25
C VAL A 29 -13.02 12.81 -18.08
N LEU A 30 -13.49 13.51 -17.05
CA LEU A 30 -14.94 13.71 -16.87
C LEU A 30 -15.25 15.12 -17.34
N LEU A 31 -16.10 15.23 -18.37
CA LEU A 31 -16.26 16.49 -19.11
C LEU A 31 -17.62 17.16 -18.97
N GLY A 32 -17.63 18.41 -18.53
CA GLY A 32 -18.85 19.16 -18.31
C GLY A 32 -19.00 20.32 -19.28
N ILE A 33 -19.98 20.22 -20.17
CA ILE A 33 -20.27 21.28 -21.14
C ILE A 33 -21.16 22.34 -20.49
N SER A 34 -20.74 23.59 -20.59
CA SER A 34 -21.43 24.70 -19.98
C SER A 34 -22.31 25.41 -21.02
N LEU A 35 -23.24 26.23 -20.53
CA LEU A 35 -24.17 26.96 -21.37
C LEU A 35 -23.57 27.76 -22.52
N GLU A 36 -22.50 28.51 -22.24
CA GLU A 36 -21.96 29.42 -23.27
C GLU A 36 -20.63 28.98 -23.88
N ASP A 37 -20.40 27.67 -23.84
CA ASP A 37 -19.24 27.07 -24.48
C ASP A 37 -19.32 27.19 -25.98
N THR A 38 -18.18 27.43 -26.62
CA THR A 38 -18.09 27.56 -28.07
C THR A 38 -17.00 26.61 -28.57
N GLN A 39 -16.89 26.49 -29.89
CA GLN A 39 -15.78 25.77 -30.52
C GLN A 39 -14.44 26.22 -29.93
N LYS A 40 -14.34 27.50 -29.61
CA LYS A 40 -13.19 28.11 -28.95
C LYS A 40 -12.79 27.42 -27.63
N GLU A 41 -13.76 27.21 -26.74
CA GLU A 41 -13.50 26.54 -25.46
C GLU A 41 -13.13 25.08 -25.66
N LEU A 42 -13.82 24.45 -26.61
CA LEU A 42 -13.62 23.07 -26.97
C LEU A 42 -12.19 22.81 -27.44
N GLU A 43 -11.71 23.60 -28.40
CA GLU A 43 -10.34 23.47 -28.88
C GLU A 43 -9.29 23.72 -27.78
N HIS A 44 -9.51 24.76 -26.96
CA HIS A 44 -8.62 25.08 -25.85
C HIS A 44 -8.55 23.94 -24.85
N MET A 45 -9.70 23.34 -24.53
CA MET A 45 -9.78 22.24 -23.56
C MET A 45 -9.07 20.98 -24.05
N VAL A 46 -9.25 20.63 -25.34
CA VAL A 46 -8.52 19.50 -25.93
C VAL A 46 -7.00 19.70 -25.76
N ARG A 47 -6.51 20.87 -26.19
CA ARG A 47 -5.11 21.25 -26.05
C ARG A 47 -4.61 21.09 -24.61
N LYS A 48 -5.35 21.64 -23.64
CA LYS A 48 -4.95 21.58 -22.22
C LYS A 48 -4.85 20.17 -21.72
N ILE A 49 -5.84 19.35 -22.06
CA ILE A 49 -5.88 17.97 -21.64
C ILE A 49 -4.71 17.19 -22.24
N LEU A 50 -4.46 17.39 -23.54
CA LEU A 50 -3.43 16.63 -24.23
C LEU A 50 -2.00 16.99 -23.80
N ASN A 51 -1.80 18.18 -23.26
CA ASN A 51 -0.44 18.53 -22.83
C ASN A 51 -0.25 18.62 -21.34
N LEU A 52 -1.31 18.35 -20.59
CA LEU A 52 -1.27 18.37 -19.12
C LEU A 52 -0.14 17.43 -18.65
N ARG A 53 0.83 17.97 -17.92
CA ARG A 53 2.00 17.19 -17.49
C ARG A 53 1.81 16.52 -16.15
N VAL A 54 1.11 15.39 -16.18
CA VAL A 54 0.72 14.67 -15.01
C VAL A 54 1.53 13.36 -14.89
N PHE A 55 2.34 13.08 -15.91
CA PHE A 55 3.18 11.87 -15.92
C PHE A 55 4.64 12.13 -15.64
N GLU A 56 5.32 11.07 -15.20
CA GLU A 56 6.76 11.12 -14.98
C GLU A 56 7.53 10.94 -16.27
N ASP A 57 8.77 11.40 -16.28
CA ASP A 57 9.71 11.07 -17.36
C ASP A 57 10.31 9.69 -17.07
N GLU A 58 11.25 9.27 -17.91
CA GLU A 58 11.80 7.91 -17.76
C GLU A 58 12.86 7.83 -16.66
N SER A 59 13.16 8.97 -16.03
CA SER A 59 14.02 9.02 -14.84
C SER A 59 13.19 9.11 -13.56
N GLY A 60 11.86 9.17 -13.70
CA GLY A 60 10.97 9.28 -12.56
C GLY A 60 10.66 10.69 -12.08
N LYS A 61 11.09 11.70 -12.83
CA LYS A 61 10.82 13.09 -12.45
C LYS A 61 9.33 13.39 -12.60
N HIS A 62 8.72 13.85 -11.51
CA HIS A 62 7.29 14.14 -11.45
C HIS A 62 6.92 15.34 -12.33
N TRP A 63 5.66 15.37 -12.74
CA TRP A 63 5.07 16.52 -13.44
C TRP A 63 5.80 16.93 -14.69
N SER A 64 6.26 15.96 -15.48
CA SER A 64 7.16 16.31 -16.58
C SER A 64 6.67 15.92 -17.96
N LYS A 65 5.70 15.00 -18.05
CA LYS A 65 5.32 14.46 -19.36
C LYS A 65 3.80 14.41 -19.50
N SER A 66 3.33 14.67 -20.70
CA SER A 66 1.90 14.59 -20.99
C SER A 66 1.48 13.19 -21.42
N VAL A 67 0.17 13.00 -21.57
CA VAL A 67 -0.41 11.76 -22.06
C VAL A 67 0.17 11.40 -23.44
N MET A 68 0.38 12.41 -24.28
CA MET A 68 0.88 12.20 -25.62
C MET A 68 2.38 11.89 -25.57
N ASP A 69 3.12 12.57 -24.69
CA ASP A 69 4.55 12.27 -24.48
C ASP A 69 4.73 10.79 -24.17
N LYS A 70 3.86 10.26 -23.32
CA LYS A 70 3.96 8.88 -22.85
C LYS A 70 3.31 7.88 -23.82
N GLN A 71 2.56 8.41 -24.79
CA GLN A 71 1.70 7.62 -25.68
C GLN A 71 0.69 6.76 -24.91
N TYR A 72 0.06 7.39 -23.93
CA TYR A 72 -0.88 6.72 -23.06
C TYR A 72 -2.30 6.96 -23.58
N GLU A 73 -3.29 6.38 -22.89
CA GLU A 73 -4.70 6.39 -23.35
C GLU A 73 -5.58 7.39 -22.60
N ILE A 74 -6.73 7.70 -23.19
CA ILE A 74 -7.68 8.65 -22.63
C ILE A 74 -9.05 8.02 -22.68
N LEU A 75 -9.72 8.02 -21.52
CA LEU A 75 -11.12 7.62 -21.43
C LEU A 75 -11.90 8.86 -21.07
N CYS A 76 -12.79 9.30 -21.97
CA CYS A 76 -13.55 10.53 -21.79
C CYS A 76 -15.03 10.15 -21.56
N VAL A 77 -15.63 10.68 -20.50
CA VAL A 77 -17.02 10.40 -20.16
C VAL A 77 -17.71 11.74 -19.91
N SER A 78 -18.93 11.90 -20.45
CA SER A 78 -19.70 13.12 -20.29
C SER A 78 -20.18 13.20 -18.86
N GLN A 79 -20.15 14.39 -18.29
CA GLN A 79 -20.51 14.59 -16.89
C GLN A 79 -21.04 15.99 -16.67
N PHE A 80 -22.37 16.13 -16.63
CA PHE A 80 -22.98 17.45 -16.55
C PHE A 80 -23.07 17.99 -15.11
N THR A 81 -22.65 17.20 -14.12
CA THR A 81 -22.72 17.60 -12.72
C THR A 81 -21.57 18.49 -12.21
N LEU A 82 -20.61 18.79 -13.07
CA LEU A 82 -19.42 19.57 -12.70
C LEU A 82 -19.58 21.07 -12.42
N GLN A 83 -20.77 21.60 -12.62
CA GLN A 83 -21.04 23.03 -12.38
C GLN A 83 -21.09 23.38 -10.87
N CYS A 84 -20.91 24.65 -10.54
CA CYS A 84 -20.83 25.08 -9.14
C CYS A 84 -22.12 24.84 -8.36
N VAL A 85 -21.96 24.33 -7.15
CA VAL A 85 -23.06 24.11 -6.21
C VAL A 85 -23.61 25.45 -5.70
N LEU A 86 -22.71 26.33 -5.26
CA LEU A 86 -23.07 27.71 -4.88
C LEU A 86 -24.04 27.83 -3.73
N LYS A 87 -25.33 27.61 -4.04
CA LYS A 87 -26.38 27.56 -3.02
C LYS A 87 -27.03 26.18 -2.99
N GLY A 88 -27.62 25.83 -1.85
CA GLY A 88 -28.19 24.49 -1.64
C GLY A 88 -27.12 23.41 -1.60
N ASN A 89 -27.56 22.16 -1.49
CA ASN A 89 -26.68 21.03 -1.27
C ASN A 89 -26.92 19.91 -2.28
N LYS A 90 -27.17 20.29 -3.53
CA LYS A 90 -27.38 19.34 -4.62
C LYS A 90 -26.65 19.83 -5.86
N PRO A 91 -26.46 18.95 -6.86
CA PRO A 91 -25.88 19.42 -8.13
C PRO A 91 -26.71 20.54 -8.75
N ASP A 92 -26.03 21.48 -9.41
CA ASP A 92 -26.70 22.62 -10.05
C ASP A 92 -26.56 22.51 -11.56
N PHE A 93 -27.70 22.51 -12.23
CA PHE A 93 -27.71 22.20 -13.64
C PHE A 93 -28.06 23.38 -14.53
N HIS A 94 -28.49 24.48 -13.94
CA HIS A 94 -28.92 25.65 -14.71
C HIS A 94 -27.80 26.23 -15.58
N LEU A 95 -26.55 26.04 -15.15
CA LEU A 95 -25.40 26.45 -15.95
C LEU A 95 -24.89 25.40 -16.95
N ALA A 96 -25.32 24.15 -16.78
CA ALA A 96 -24.95 23.08 -17.73
C ALA A 96 -25.72 23.24 -19.05
N MET A 97 -25.06 22.93 -20.17
CA MET A 97 -25.73 22.99 -21.47
C MET A 97 -26.77 21.87 -21.54
N PRO A 98 -28.01 22.20 -21.95
CA PRO A 98 -29.03 21.17 -22.12
C PRO A 98 -28.50 19.98 -22.94
N THR A 99 -28.88 18.77 -22.53
CA THR A 99 -28.33 17.53 -23.12
C THR A 99 -28.34 17.50 -24.67
N GLU A 100 -29.38 18.05 -25.29
CA GLU A 100 -29.53 18.09 -26.75
C GLU A 100 -28.38 18.77 -27.48
N GLN A 101 -28.14 20.04 -27.13
CA GLN A 101 -27.03 20.82 -27.67
C GLN A 101 -25.70 20.27 -27.18
N ALA A 102 -25.67 19.78 -25.95
CA ALA A 102 -24.44 19.27 -25.31
C ALA A 102 -23.87 18.04 -25.98
N GLU A 103 -24.74 17.18 -26.49
CA GLU A 103 -24.30 15.94 -27.12
C GLU A 103 -23.48 16.20 -28.39
N GLY A 104 -23.91 17.19 -29.16
CA GLY A 104 -23.19 17.66 -30.33
C GLY A 104 -21.80 18.15 -29.98
N PHE A 105 -21.70 18.99 -28.95
CA PHE A 105 -20.41 19.48 -28.44
C PHE A 105 -19.52 18.36 -27.94
N TYR A 106 -20.10 17.43 -27.19
CA TYR A 106 -19.33 16.30 -26.65
C TYR A 106 -18.71 15.46 -27.77
N ASN A 107 -19.51 15.10 -28.76
CA ASN A 107 -19.04 14.35 -29.91
C ASN A 107 -17.98 15.12 -30.71
N SER A 108 -18.19 16.42 -30.88
CA SER A 108 -17.20 17.30 -31.51
C SER A 108 -15.88 17.29 -30.74
N PHE A 109 -15.98 17.25 -29.41
CA PHE A 109 -14.82 17.22 -28.54
C PHE A 109 -14.01 15.92 -28.74
N LEU A 110 -14.70 14.80 -28.84
CA LEU A 110 -14.05 13.51 -29.08
C LEU A 110 -13.41 13.48 -30.44
N GLU A 111 -14.11 14.00 -31.45
CA GLU A 111 -13.54 14.01 -32.78
C GLU A 111 -12.29 14.89 -32.81
N GLN A 112 -12.30 16.00 -32.07
CA GLN A 112 -11.11 16.88 -31.96
C GLN A 112 -9.95 16.17 -31.27
N LEU A 113 -10.24 15.45 -30.18
CA LEU A 113 -9.23 14.65 -29.46
C LEU A 113 -8.57 13.64 -30.39
N ARG A 114 -9.41 12.92 -31.13
CA ARG A 114 -8.96 11.88 -32.06
C ARG A 114 -8.09 12.47 -33.18
N LYS A 115 -8.56 13.57 -33.77
CA LYS A 115 -7.85 14.22 -34.87
C LYS A 115 -6.47 14.77 -34.44
N THR A 116 -6.41 15.29 -33.21
CA THR A 116 -5.21 15.94 -32.68
C THR A 116 -4.26 14.95 -32.00
N TYR A 117 -4.76 13.78 -31.58
CA TYR A 117 -3.93 12.72 -30.98
C TYR A 117 -4.00 11.42 -31.80
N ARG A 118 -4.22 10.28 -31.15
CA ARG A 118 -4.30 9.00 -31.84
C ARG A 118 -5.64 8.37 -31.53
N PRO A 119 -6.50 8.24 -32.57
CA PRO A 119 -7.85 7.69 -32.41
C PRO A 119 -7.90 6.36 -31.66
N GLU A 120 -6.92 5.48 -31.87
CA GLU A 120 -6.96 4.15 -31.25
C GLU A 120 -6.65 4.18 -29.74
N LEU A 121 -6.12 5.32 -29.26
CA LEU A 121 -5.81 5.53 -27.85
C LEU A 121 -6.91 6.29 -27.09
N ILE A 122 -8.04 6.56 -27.74
CA ILE A 122 -9.13 7.35 -27.20
C ILE A 122 -10.36 6.44 -27.06
N LYS A 123 -10.95 6.40 -25.87
CA LYS A 123 -12.15 5.60 -25.63
C LYS A 123 -13.16 6.49 -24.92
N ASP A 124 -14.43 6.11 -24.96
CA ASP A 124 -15.42 6.92 -24.30
C ASP A 124 -16.46 6.02 -23.65
N GLY A 125 -17.38 6.60 -22.89
CA GLY A 125 -18.48 5.81 -22.31
C GLY A 125 -19.61 5.68 -23.30
N LYS A 126 -20.82 5.90 -22.83
CA LYS A 126 -22.00 5.87 -23.69
C LYS A 126 -22.92 7.00 -23.27
N PHE A 127 -22.86 8.08 -24.04
CA PHE A 127 -23.48 9.35 -23.68
C PHE A 127 -24.85 9.22 -22.99
N GLY A 128 -25.79 8.52 -23.58
CA GLY A 128 -27.11 8.45 -22.88
C GLY A 128 -27.17 7.78 -21.49
N ALA A 129 -26.22 6.89 -21.24
CA ALA A 129 -26.42 5.74 -20.37
C ALA A 129 -26.13 5.92 -18.89
N TYR A 130 -26.74 5.07 -18.07
CA TYR A 130 -26.38 4.89 -16.66
C TYR A 130 -25.12 4.04 -16.57
N MET A 131 -23.99 4.67 -16.29
CA MET A 131 -22.68 4.02 -16.34
C MET A 131 -22.06 3.84 -14.95
N GLN A 132 -21.38 2.71 -14.76
CA GLN A 132 -20.34 2.58 -13.73
C GLN A 132 -19.00 2.90 -14.35
N VAL A 133 -18.32 3.92 -13.85
CA VAL A 133 -17.02 4.30 -14.39
C VAL A 133 -15.99 3.85 -13.36
N HIS A 134 -15.30 2.76 -13.69
CA HIS A 134 -14.29 2.21 -12.80
C HIS A 134 -13.00 2.98 -13.04
N ILE A 135 -12.50 3.64 -12.00
CA ILE A 135 -11.33 4.51 -12.16
C ILE A 135 -10.26 4.10 -11.16
N GLN A 136 -9.13 3.60 -11.65
CA GLN A 136 -8.03 3.25 -10.76
C GLN A 136 -7.13 4.44 -10.75
N ASN A 137 -7.41 5.38 -9.85
CA ASN A 137 -6.69 6.62 -9.78
C ASN A 137 -5.28 6.34 -9.25
N ASP A 138 -4.28 6.67 -10.07
CA ASP A 138 -2.86 6.33 -9.89
C ASP A 138 -2.12 7.42 -9.12
N GLY A 139 -2.00 7.26 -7.81
CA GLY A 139 -1.32 8.28 -6.98
C GLY A 139 -1.94 8.50 -5.60
N PRO A 140 -3.15 9.08 -5.55
CA PRO A 140 -3.94 9.53 -6.68
C PRO A 140 -3.42 10.85 -7.28
N VAL A 141 -3.79 11.12 -8.53
CA VAL A 141 -3.50 12.43 -9.13
C VAL A 141 -4.78 12.93 -9.78
N THR A 142 -5.26 14.09 -9.35
CA THR A 142 -6.52 14.67 -9.84
C THR A 142 -6.36 16.17 -10.08
N ILE A 143 -6.80 16.61 -11.25
CA ILE A 143 -6.64 18.00 -11.67
C ILE A 143 -7.99 18.50 -12.18
N GLU A 144 -8.38 19.70 -11.75
CA GLU A 144 -9.56 20.36 -12.28
C GLU A 144 -9.13 21.34 -13.38
N LEU A 145 -9.84 21.29 -14.50
CA LEU A 145 -9.58 22.20 -15.62
C LEU A 145 -10.84 22.96 -15.94
N GLU A 146 -10.66 24.18 -16.45
CA GLU A 146 -11.75 25.06 -16.82
C GLU A 146 -11.29 25.97 -17.94
N SER A 147 -12.18 26.26 -18.89
CA SER A 147 -11.88 27.26 -19.93
C SER A 147 -12.33 28.71 -19.63
N PRO A 148 -13.55 29.07 -20.09
CA PRO A 148 -13.92 30.45 -20.42
C PRO A 148 -13.12 31.53 -19.68
N ALA A 149 -13.50 31.82 -18.42
CA ALA A 149 -12.83 32.83 -17.59
C ALA A 149 -11.41 32.43 -17.19
N MET B 1 -9.74 25.63 0.43
CA MET B 1 -9.98 24.17 0.37
C MET B 1 -10.82 23.80 -0.83
N LYS B 2 -10.39 22.76 -1.54
CA LYS B 2 -11.15 22.19 -2.63
C LYS B 2 -11.37 20.71 -2.38
N ALA B 3 -12.47 20.19 -2.92
CA ALA B 3 -12.74 18.75 -2.87
C ALA B 3 -13.39 18.30 -4.18
N VAL B 4 -13.00 17.11 -4.64
CA VAL B 4 -13.75 16.44 -5.71
C VAL B 4 -14.44 15.26 -5.06
N VAL B 5 -15.76 15.23 -5.22
CA VAL B 5 -16.59 14.23 -4.59
C VAL B 5 -17.19 13.34 -5.68
N GLN B 6 -16.97 12.04 -5.56
CA GLN B 6 -17.52 11.11 -6.54
C GLN B 6 -18.45 10.13 -5.84
N ARG B 7 -19.66 9.96 -6.38
CA ARG B 7 -20.60 9.01 -5.81
C ARG B 7 -20.14 7.62 -6.24
N VAL B 8 -20.06 6.69 -5.30
CA VAL B 8 -19.52 5.36 -5.63
C VAL B 8 -20.47 4.20 -5.28
N THR B 9 -20.42 3.13 -6.07
CA THR B 9 -21.05 1.90 -5.57
C THR B 9 -20.08 1.14 -4.66
N ARG B 10 -18.77 1.37 -4.87
CA ARG B 10 -17.74 0.92 -3.95
C ARG B 10 -16.44 1.68 -4.22
N ALA B 11 -15.49 1.61 -3.29
CA ALA B 11 -14.22 2.30 -3.48
C ALA B 11 -13.22 1.68 -2.54
N SER B 12 -11.95 1.74 -2.89
CA SER B 12 -10.91 1.21 -2.02
C SER B 12 -9.57 1.84 -2.30
N VAL B 13 -8.67 1.70 -1.33
CA VAL B 13 -7.31 2.19 -1.46
C VAL B 13 -6.38 1.02 -1.25
N THR B 14 -5.45 0.89 -2.19
CA THR B 14 -4.33 -0.07 -2.10
C THR B 14 -3.00 0.69 -2.05
N VAL B 15 -2.04 0.15 -1.32
CA VAL B 15 -0.65 0.62 -1.34
C VAL B 15 0.23 -0.60 -1.62
N GLY B 16 0.81 -0.65 -2.82
CA GLY B 16 1.65 -1.77 -3.26
C GLY B 16 0.91 -3.08 -3.40
N GLY B 17 -0.39 -3.03 -3.64
CA GLY B 17 -1.20 -4.24 -3.73
C GLY B 17 -1.84 -4.64 -2.40
N GLU B 18 -1.41 -4.00 -1.32
CA GLU B 18 -2.04 -4.17 0.00
C GLU B 18 -3.28 -3.31 0.20
N GLN B 19 -4.42 -3.95 0.44
CA GLN B 19 -5.66 -3.20 0.61
C GLN B 19 -5.62 -2.53 1.97
N ILE B 20 -5.73 -1.20 1.95
CA ILE B 20 -5.68 -0.36 3.16
C ILE B 20 -7.10 -0.12 3.72
N SER B 21 -8.04 0.22 2.84
CA SER B 21 -9.41 0.47 3.25
C SER B 21 -10.34 0.24 2.08
N ALA B 22 -11.62 0.09 2.37
CA ALA B 22 -12.62 -0.15 1.35
C ALA B 22 -13.98 0.27 1.89
N ILE B 23 -14.81 0.83 1.01
CA ILE B 23 -16.18 1.17 1.33
C ILE B 23 -17.13 0.56 0.30
N GLY B 24 -18.39 0.39 0.68
CA GLY B 24 -19.42 0.02 -0.27
C GLY B 24 -20.04 1.27 -0.83
N ARG B 25 -21.37 1.32 -0.88
CA ARG B 25 -22.06 2.50 -1.38
C ARG B 25 -21.74 3.73 -0.53
N GLY B 26 -21.54 4.86 -1.20
CA GLY B 26 -21.27 6.10 -0.52
C GLY B 26 -20.54 7.10 -1.41
N ILE B 27 -19.51 7.72 -0.85
CA ILE B 27 -18.86 8.84 -1.52
C ILE B 27 -17.33 8.78 -1.32
N CYS B 28 -16.57 9.02 -2.39
CA CYS B 28 -15.11 9.16 -2.32
C CYS B 28 -14.78 10.63 -2.48
N VAL B 29 -14.05 11.16 -1.51
CA VAL B 29 -13.70 12.57 -1.48
C VAL B 29 -12.20 12.68 -1.66
N LEU B 30 -11.80 13.41 -2.70
CA LEU B 30 -10.41 13.79 -2.88
C LEU B 30 -10.27 15.20 -2.35
N LEU B 31 -9.43 15.37 -1.33
CA LEU B 31 -9.38 16.61 -0.55
C LEU B 31 -8.10 17.43 -0.76
N GLY B 32 -8.25 18.64 -1.31
CA GLY B 32 -7.14 19.55 -1.56
C GLY B 32 -7.06 20.69 -0.56
N ILE B 33 -6.05 20.63 0.31
CA ILE B 33 -5.85 21.62 1.37
C ILE B 33 -4.86 22.71 0.93
N SER B 34 -5.28 23.96 1.05
CA SER B 34 -4.44 25.07 0.63
C SER B 34 -3.75 25.70 1.83
N LEU B 35 -2.65 26.40 1.54
CA LEU B 35 -1.90 27.21 2.50
C LEU B 35 -2.75 28.13 3.36
N GLU B 36 -3.77 28.75 2.75
CA GLU B 36 -4.60 29.74 3.46
C GLU B 36 -5.72 29.11 4.28
N ASP B 37 -5.86 27.78 4.20
CA ASP B 37 -6.93 27.06 4.88
C ASP B 37 -6.84 27.14 6.42
N THR B 38 -7.99 27.22 7.05
CA THR B 38 -8.08 27.50 8.47
C THR B 38 -9.13 26.56 9.08
N GLN B 39 -9.39 26.67 10.39
CA GLN B 39 -10.43 25.87 11.05
C GLN B 39 -11.80 26.14 10.42
N LYS B 40 -12.06 27.39 10.05
CA LYS B 40 -13.31 27.76 9.38
C LYS B 40 -13.58 26.92 8.12
N GLU B 41 -12.59 26.84 7.25
CA GLU B 41 -12.78 26.08 5.99
C GLU B 41 -12.89 24.59 6.28
N LEU B 42 -12.09 24.10 7.22
CA LEU B 42 -12.17 22.71 7.66
C LEU B 42 -13.61 22.37 8.06
N GLU B 43 -14.18 23.15 8.98
CA GLU B 43 -15.55 22.93 9.48
C GLU B 43 -16.61 23.11 8.39
N HIS B 44 -16.43 24.12 7.55
CA HIS B 44 -17.35 24.36 6.43
C HIS B 44 -17.34 23.24 5.39
N MET B 45 -16.16 22.74 5.05
CA MET B 45 -16.04 21.64 4.09
C MET B 45 -16.65 20.34 4.62
N VAL B 46 -16.40 20.02 5.89
CA VAL B 46 -17.06 18.87 6.53
C VAL B 46 -18.60 18.96 6.38
N ARG B 47 -19.16 20.10 6.77
CA ARG B 47 -20.62 20.29 6.68
C ARG B 47 -21.14 20.09 5.26
N LYS B 48 -20.42 20.63 4.27
CA LYS B 48 -20.84 20.50 2.88
C LYS B 48 -20.81 19.07 2.38
N ILE B 49 -19.75 18.33 2.73
CA ILE B 49 -19.60 16.94 2.29
C ILE B 49 -20.73 16.11 2.88
N LEU B 50 -20.97 16.30 4.18
CA LEU B 50 -21.95 15.48 4.90
C LEU B 50 -23.37 15.76 4.47
N ASN B 51 -23.62 16.98 4.01
CA ASN B 51 -24.97 17.40 3.61
C ASN B 51 -25.25 17.40 2.10
N LEU B 52 -24.23 17.07 1.30
CA LEU B 52 -24.33 17.04 -0.15
C LEU B 52 -25.33 15.97 -0.64
N ARG B 53 -26.39 16.42 -1.29
CA ARG B 53 -27.49 15.56 -1.75
C ARG B 53 -27.19 14.93 -3.11
N VAL B 54 -26.53 13.78 -3.07
CA VAL B 54 -26.09 13.11 -4.28
C VAL B 54 -26.82 11.78 -4.49
N PHE B 55 -27.65 11.41 -3.53
CA PHE B 55 -28.37 10.12 -3.56
C PHE B 55 -29.87 10.26 -3.79
N GLU B 56 -30.48 9.19 -4.30
CA GLU B 56 -31.92 9.12 -4.52
C GLU B 56 -32.69 8.72 -3.26
N ASP B 57 -33.96 9.11 -3.17
CA ASP B 57 -34.89 8.56 -2.19
C ASP B 57 -35.51 7.23 -2.69
N GLU B 58 -36.40 6.63 -1.90
CA GLU B 58 -36.97 5.32 -2.26
C GLU B 58 -37.83 5.34 -3.52
N SER B 59 -38.50 6.46 -3.77
CA SER B 59 -39.24 6.68 -5.03
C SER B 59 -38.30 6.77 -6.24
N GLY B 60 -37.05 7.19 -5.98
CA GLY B 60 -36.04 7.30 -7.02
C GLY B 60 -35.78 8.73 -7.53
N LYS B 61 -36.41 9.70 -6.83
CA LYS B 61 -36.12 11.12 -7.06
C LYS B 61 -34.63 11.39 -6.82
N HIS B 62 -33.98 12.04 -7.80
CA HIS B 62 -32.54 12.32 -7.71
C HIS B 62 -32.26 13.49 -6.75
N TRP B 63 -31.03 13.53 -6.23
CA TRP B 63 -30.55 14.67 -5.44
C TRP B 63 -31.38 14.96 -4.20
N SER B 64 -31.84 13.91 -3.52
CA SER B 64 -32.74 14.14 -2.37
C SER B 64 -32.18 13.67 -1.03
N LYS B 65 -31.09 12.91 -1.05
CA LYS B 65 -30.53 12.39 0.18
C LYS B 65 -29.01 12.56 0.22
N SER B 66 -28.49 12.92 1.37
CA SER B 66 -27.02 12.97 1.56
C SER B 66 -26.48 11.60 1.99
N VAL B 67 -25.15 11.48 2.04
CA VAL B 67 -24.49 10.28 2.54
C VAL B 67 -25.01 9.93 3.96
N MET B 68 -25.26 10.94 4.78
CA MET B 68 -25.72 10.72 6.16
C MET B 68 -27.18 10.28 6.21
N ASP B 69 -28.01 10.84 5.33
CA ASP B 69 -29.40 10.40 5.18
C ASP B 69 -29.46 8.91 4.86
N LYS B 70 -28.53 8.46 4.02
CA LYS B 70 -28.50 7.08 3.54
C LYS B 70 -27.76 6.14 4.49
N GLN B 71 -27.07 6.72 5.48
CA GLN B 71 -26.16 6.00 6.35
C GLN B 71 -25.15 5.23 5.49
N TYR B 72 -24.63 5.91 4.46
CA TYR B 72 -23.66 5.34 3.56
C TYR B 72 -22.24 5.71 4.04
N GLU B 73 -21.23 5.27 3.32
CA GLU B 73 -19.84 5.43 3.79
C GLU B 73 -19.14 6.57 3.06
N ILE B 74 -17.99 6.99 3.59
CA ILE B 74 -17.19 8.04 2.98
C ILE B 74 -15.74 7.55 2.98
N LEU B 75 -15.11 7.54 1.80
CA LEU B 75 -13.68 7.31 1.70
C LEU B 75 -13.00 8.64 1.38
N CYS B 76 -12.20 9.16 2.32
CA CYS B 76 -11.45 10.41 2.08
C CYS B 76 -10.00 10.11 1.77
N VAL B 77 -9.48 10.82 0.76
CA VAL B 77 -8.06 10.71 0.44
C VAL B 77 -7.52 12.11 0.23
N SER B 78 -6.36 12.38 0.82
CA SER B 78 -5.69 13.67 0.68
C SER B 78 -5.13 13.80 -0.73
N GLN B 79 -5.34 14.97 -1.34
CA GLN B 79 -5.04 15.19 -2.77
C GLN B 79 -4.61 16.64 -3.01
N PHE B 80 -3.33 16.92 -2.77
CA PHE B 80 -2.79 18.27 -2.93
C PHE B 80 -2.82 18.79 -4.37
N THR B 81 -2.97 17.90 -5.36
CA THR B 81 -2.96 18.32 -6.79
C THR B 81 -4.13 19.22 -7.18
N LEU B 82 -5.21 19.14 -6.40
CA LEU B 82 -6.36 20.01 -6.63
C LEU B 82 -6.04 21.49 -6.39
N GLN B 83 -4.99 21.76 -5.61
CA GLN B 83 -4.47 23.12 -5.39
C GLN B 83 -3.40 23.49 -6.42
N CYS B 84 -3.74 23.30 -7.69
CA CYS B 84 -2.79 23.47 -8.79
C CYS B 84 -3.03 24.78 -9.54
N VAL B 85 -1.95 25.45 -9.91
CA VAL B 85 -2.02 26.60 -10.80
C VAL B 85 -1.43 26.23 -12.17
N LEU B 86 -2.17 26.56 -13.23
CA LEU B 86 -1.85 26.11 -14.57
C LEU B 86 -1.26 27.17 -15.48
N LYS B 87 -0.15 27.78 -15.05
CA LYS B 87 0.67 28.56 -15.98
C LYS B 87 1.42 27.55 -16.85
N GLY B 88 1.46 27.82 -18.16
CA GLY B 88 1.96 26.84 -19.12
C GLY B 88 1.16 25.56 -19.02
N ASN B 89 1.83 24.41 -19.12
CA ASN B 89 1.15 23.11 -18.98
C ASN B 89 1.63 22.26 -17.80
N LYS B 90 2.76 22.67 -17.20
CA LYS B 90 3.26 22.01 -15.99
C LYS B 90 2.51 22.54 -14.76
N PRO B 91 2.06 21.64 -13.88
CA PRO B 91 1.44 22.07 -12.62
C PRO B 91 2.47 22.69 -11.66
N ASP B 92 2.03 23.70 -10.94
CA ASP B 92 2.79 24.27 -9.83
C ASP B 92 1.89 24.20 -8.60
N PHE B 93 2.47 23.80 -7.46
CA PHE B 93 1.66 23.49 -6.28
C PHE B 93 1.89 24.43 -5.10
N HIS B 94 2.35 25.64 -5.38
CA HIS B 94 2.70 26.61 -4.34
C HIS B 94 1.54 27.01 -3.42
N LEU B 95 0.31 26.82 -3.90
CA LEU B 95 -0.88 27.16 -3.13
C LEU B 95 -1.29 26.02 -2.20
N ALA B 96 -0.81 24.82 -2.47
CA ALA B 96 -1.08 23.68 -1.58
C ALA B 96 -0.30 23.85 -0.27
N MET B 97 -0.93 23.43 0.84
CA MET B 97 -0.25 23.42 2.14
C MET B 97 0.84 22.35 2.16
N PRO B 98 2.07 22.71 2.58
CA PRO B 98 3.18 21.75 2.74
C PRO B 98 2.81 20.56 3.64
N THR B 99 3.33 19.38 3.29
CA THR B 99 2.95 18.11 3.93
C THR B 99 3.13 18.02 5.46
N GLU B 100 4.07 18.77 6.01
CA GLU B 100 4.32 18.76 7.46
C GLU B 100 3.09 19.28 8.22
N GLN B 101 2.56 20.43 7.79
CA GLN B 101 1.35 20.98 8.38
C GLN B 101 0.11 20.28 7.83
N ALA B 102 0.14 19.94 6.54
CA ALA B 102 -1.00 19.32 5.87
C ALA B 102 -1.42 18.01 6.52
N GLU B 103 -0.47 17.20 6.98
CA GLU B 103 -0.86 15.92 7.61
C GLU B 103 -1.68 16.17 8.88
N GLY B 104 -1.20 17.06 9.74
CA GLY B 104 -1.97 17.49 10.91
C GLY B 104 -3.33 18.06 10.57
N PHE B 105 -3.38 18.94 9.57
CA PHE B 105 -4.66 19.53 9.15
C PHE B 105 -5.62 18.45 8.66
N TYR B 106 -5.14 17.58 7.77
CA TYR B 106 -5.90 16.44 7.26
C TYR B 106 -6.43 15.55 8.39
N ASN B 107 -5.55 15.17 9.32
CA ASN B 107 -5.98 14.36 10.45
C ASN B 107 -7.09 15.04 11.25
N SER B 108 -6.94 16.33 11.55
CA SER B 108 -7.98 17.10 12.25
C SER B 108 -9.29 17.12 11.45
N PHE B 109 -9.16 17.27 10.13
CA PHE B 109 -10.31 17.27 9.23
C PHE B 109 -11.08 15.95 9.29
N LEU B 110 -10.34 14.84 9.23
CA LEU B 110 -10.96 13.51 9.32
C LEU B 110 -11.63 13.31 10.66
N GLU B 111 -11.02 13.83 11.71
CA GLU B 111 -11.60 13.73 13.05
C GLU B 111 -12.90 14.54 13.21
N GLN B 112 -13.01 15.71 12.57
CA GLN B 112 -14.27 16.49 12.61
C GLN B 112 -15.37 15.74 11.87
N LEU B 113 -15.00 15.18 10.72
CA LEU B 113 -15.89 14.34 9.93
C LEU B 113 -16.46 13.18 10.73
N ARG B 114 -15.59 12.44 11.41
CA ARG B 114 -16.00 11.32 12.27
C ARG B 114 -16.89 11.75 13.44
N LYS B 115 -16.55 12.84 14.10
CA LYS B 115 -17.36 13.26 15.25
C LYS B 115 -18.72 13.85 14.86
N THR B 116 -18.81 14.42 13.65
CA THR B 116 -20.05 15.00 13.13
C THR B 116 -20.97 13.93 12.55
N TYR B 117 -20.36 12.86 12.02
CA TYR B 117 -21.08 11.73 11.44
C TYR B 117 -20.87 10.49 12.31
N ARG B 118 -20.49 9.36 11.70
CA ARG B 118 -20.17 8.14 12.43
C ARG B 118 -18.75 7.68 12.08
N PRO B 119 -17.89 7.47 13.09
CA PRO B 119 -16.49 7.14 12.85
C PRO B 119 -16.32 5.89 11.98
N GLU B 120 -17.14 4.87 12.20
CA GLU B 120 -17.01 3.57 11.54
C GLU B 120 -17.35 3.61 10.06
N LEU B 121 -18.06 4.66 9.64
CA LEU B 121 -18.44 4.83 8.23
C LEU B 121 -17.51 5.75 7.46
N ILE B 122 -16.46 6.21 8.12
CA ILE B 122 -15.44 7.08 7.52
C ILE B 122 -14.14 6.29 7.39
N LYS B 123 -13.65 6.15 6.17
CA LYS B 123 -12.39 5.48 5.84
C LYS B 123 -11.40 6.46 5.18
N ASP B 124 -10.11 6.14 5.30
CA ASP B 124 -9.06 7.00 4.85
C ASP B 124 -8.10 6.23 3.94
N GLY B 125 -7.37 6.96 3.12
CA GLY B 125 -6.19 6.40 2.46
C GLY B 125 -5.05 6.37 3.45
N LYS B 126 -3.82 6.42 2.94
CA LYS B 126 -2.63 6.53 3.78
C LYS B 126 -1.89 7.80 3.35
N PHE B 127 -2.00 8.84 4.17
CA PHE B 127 -1.52 10.20 3.81
C PHE B 127 -0.22 10.33 2.99
N GLY B 128 0.86 9.70 3.36
CA GLY B 128 2.09 9.97 2.60
C GLY B 128 2.33 9.13 1.35
N ALA B 129 1.46 8.15 1.13
CA ALA B 129 1.82 6.96 0.37
C ALA B 129 1.44 7.05 -1.09
N TYR B 130 2.10 6.24 -1.90
CA TYR B 130 1.72 6.10 -3.29
C TYR B 130 0.59 5.07 -3.36
N MET B 131 -0.61 5.56 -3.60
CA MET B 131 -1.82 4.76 -3.51
C MET B 131 -2.40 4.52 -4.88
N GLN B 132 -3.15 3.42 -4.98
CA GLN B 132 -4.13 3.25 -6.03
C GLN B 132 -5.47 3.41 -5.37
N VAL B 133 -6.25 4.39 -5.83
CA VAL B 133 -7.57 4.61 -5.31
C VAL B 133 -8.54 4.07 -6.35
N HIS B 134 -9.15 2.92 -6.03
CA HIS B 134 -10.09 2.26 -6.92
C HIS B 134 -11.45 2.91 -6.69
N ILE B 135 -11.96 3.58 -7.71
CA ILE B 135 -13.19 4.35 -7.57
C ILE B 135 -14.21 3.82 -8.56
N GLN B 136 -15.28 3.19 -8.06
CA GLN B 136 -16.36 2.78 -8.97
C GLN B 136 -17.43 3.87 -8.95
N ASN B 137 -17.24 4.86 -9.83
CA ASN B 137 -18.08 6.04 -9.88
C ASN B 137 -19.46 5.67 -10.42
N ASP B 138 -20.48 5.83 -9.58
CA ASP B 138 -21.86 5.37 -9.85
C ASP B 138 -22.67 6.46 -10.54
N GLY B 139 -22.76 6.37 -11.88
CA GLY B 139 -23.55 7.30 -12.67
C GLY B 139 -22.99 7.65 -14.05
N PRO B 140 -21.83 8.32 -14.10
CA PRO B 140 -21.03 8.80 -12.98
C PRO B 140 -21.70 10.05 -12.37
N VAL B 141 -21.39 10.34 -11.11
CA VAL B 141 -21.80 11.60 -10.46
C VAL B 141 -20.55 12.17 -9.80
N THR B 142 -20.22 13.41 -10.17
CA THR B 142 -18.97 14.03 -9.69
C THR B 142 -19.23 15.49 -9.36
N ILE B 143 -18.89 15.93 -8.16
CA ILE B 143 -19.21 17.29 -7.73
C ILE B 143 -17.94 17.96 -7.23
N GLU B 144 -17.70 19.20 -7.68
CA GLU B 144 -16.61 20.01 -7.18
C GLU B 144 -17.11 20.91 -6.03
N LEU B 145 -16.40 20.87 -4.91
CA LEU B 145 -16.70 21.71 -3.75
C LEU B 145 -15.52 22.62 -3.41
N GLU B 146 -15.82 23.80 -2.91
CA GLU B 146 -14.79 24.72 -2.46
C GLU B 146 -15.27 25.49 -1.22
N SER B 147 -14.37 25.75 -0.27
CA SER B 147 -14.81 26.40 0.97
C SER B 147 -14.32 27.81 1.29
N PRO B 148 -13.10 28.18 0.87
CA PRO B 148 -12.84 29.61 0.90
C PRO B 148 -14.09 30.41 0.53
N ALA B 149 -14.87 29.91 -0.44
CA ALA B 149 -16.21 30.45 -0.73
C ALA B 149 -17.31 29.40 -0.45
N PRO B 150 -17.91 29.43 0.77
CA PRO B 150 -18.90 28.41 1.16
C PRO B 150 -20.36 28.78 0.85
N MET C 1 -3.05 -17.46 10.48
CA MET C 1 -2.08 -16.53 11.11
C MET C 1 -0.68 -17.09 11.01
N LYS C 2 0.27 -16.21 10.67
CA LYS C 2 1.69 -16.60 10.55
C LYS C 2 2.58 -15.65 11.35
N ALA C 3 3.67 -16.17 11.89
CA ALA C 3 4.68 -15.37 12.57
C ALA C 3 6.08 -15.87 12.22
N VAL C 4 7.03 -14.94 12.13
CA VAL C 4 8.46 -15.29 12.17
C VAL C 4 9.00 -14.76 13.49
N VAL C 5 9.57 -15.67 14.28
CA VAL C 5 10.08 -15.32 15.58
C VAL C 5 11.61 -15.35 15.50
N GLN C 6 12.25 -14.23 15.86
CA GLN C 6 13.71 -14.18 15.92
C GLN C 6 14.17 -13.94 17.35
N ARG C 7 15.07 -14.80 17.83
CA ARG C 7 15.66 -14.61 19.16
C ARG C 7 16.63 -13.45 19.03
N VAL C 8 16.59 -12.51 19.97
CA VAL C 8 17.40 -11.31 19.85
C VAL C 8 18.23 -11.02 21.10
N THR C 9 19.37 -10.35 20.92
CA THR C 9 19.98 -9.79 22.10
C THR C 9 19.53 -8.36 22.32
N ARG C 10 19.06 -7.70 21.25
CA ARG C 10 18.31 -6.45 21.35
C ARG C 10 17.55 -6.25 20.05
N ALA C 11 16.53 -5.40 20.08
CA ALA C 11 15.80 -5.10 18.87
C ALA C 11 15.14 -3.76 19.10
N SER C 12 14.90 -3.02 18.01
CA SER C 12 14.36 -1.68 18.09
C SER C 12 13.61 -1.33 16.82
N VAL C 13 12.80 -0.29 16.90
CA VAL C 13 12.07 0.23 15.75
C VAL C 13 12.31 1.73 15.64
N THR C 14 12.64 2.17 14.43
CA THR C 14 12.75 3.57 14.11
C THR C 14 11.70 3.94 13.07
N VAL C 15 11.07 5.11 13.25
CA VAL C 15 10.18 5.74 12.24
C VAL C 15 10.66 7.17 12.06
N GLY C 16 10.93 7.56 10.81
CA GLY C 16 11.38 8.93 10.48
C GLY C 16 12.69 9.26 11.20
N GLY C 17 13.50 8.24 11.45
CA GLY C 17 14.80 8.45 12.05
C GLY C 17 14.81 8.40 13.58
N GLU C 18 13.64 8.38 14.21
CA GLU C 18 13.56 8.35 15.68
C GLU C 18 13.23 6.96 16.21
N GLN C 19 14.03 6.50 17.17
CA GLN C 19 13.80 5.19 17.78
C GLN C 19 12.60 5.25 18.70
N ILE C 20 11.50 4.61 18.28
CA ILE C 20 10.23 4.73 19.01
C ILE C 20 9.98 3.57 19.98
N SER C 21 10.80 2.53 19.89
CA SER C 21 10.61 1.34 20.68
C SER C 21 11.90 0.54 20.67
N ALA C 22 12.23 -0.14 21.76
CA ALA C 22 13.38 -1.06 21.83
C ALA C 22 13.20 -2.04 22.98
N ILE C 23 13.75 -3.23 22.82
CA ILE C 23 13.90 -4.21 23.91
C ILE C 23 15.35 -4.69 24.01
N GLY C 24 15.67 -5.35 25.12
CA GLY C 24 16.93 -6.09 25.28
C GLY C 24 16.73 -7.54 24.87
N ARG C 25 17.26 -8.47 25.66
CA ARG C 25 17.19 -9.88 25.29
C ARG C 25 15.74 -10.36 25.25
N GLY C 26 15.43 -11.15 24.23
CA GLY C 26 14.10 -11.73 24.09
C GLY C 26 13.84 -12.18 22.68
N ILE C 27 12.62 -11.89 22.20
CA ILE C 27 12.25 -12.28 20.83
C ILE C 27 11.64 -11.10 20.11
N CYS C 28 11.94 -10.99 18.81
CA CYS C 28 11.21 -10.10 17.92
C CYS C 28 10.24 -10.94 17.11
N VAL C 29 8.93 -10.60 17.17
CA VAL C 29 7.90 -11.35 16.49
C VAL C 29 7.36 -10.51 15.33
N LEU C 30 7.49 -11.03 14.11
CA LEU C 30 6.85 -10.39 12.94
C LEU C 30 5.56 -11.13 12.65
N LEU C 31 4.43 -10.42 12.74
CA LEU C 31 3.13 -11.09 12.78
C LEU C 31 2.23 -10.79 11.58
N GLY C 32 1.79 -11.87 10.92
CA GLY C 32 0.94 -11.76 9.74
C GLY C 32 -0.47 -12.25 9.98
N ILE C 33 -1.43 -11.34 9.92
CA ILE C 33 -2.86 -11.70 10.04
C ILE C 33 -3.38 -12.13 8.68
N SER C 34 -4.02 -13.30 8.63
CA SER C 34 -4.54 -13.87 7.39
C SER C 34 -6.05 -13.67 7.31
N LEU C 35 -6.60 -13.78 6.11
CA LEU C 35 -8.01 -13.51 5.88
C LEU C 35 -8.95 -14.22 6.86
N GLU C 36 -8.70 -15.50 7.13
CA GLU C 36 -9.68 -16.31 7.83
C GLU C 36 -9.41 -16.46 9.33
N ASP C 37 -8.52 -15.61 9.85
CA ASP C 37 -8.13 -15.65 11.26
C ASP C 37 -9.25 -15.34 12.22
N THR C 38 -9.23 -16.03 13.36
CA THR C 38 -10.30 -15.98 14.34
C THR C 38 -9.66 -15.70 15.71
N GLN C 39 -10.50 -15.34 16.69
CA GLN C 39 -10.05 -15.20 18.08
C GLN C 39 -9.30 -16.45 18.53
N LYS C 40 -9.75 -17.61 18.06
CA LYS C 40 -9.12 -18.90 18.32
C LYS C 40 -7.66 -18.99 17.88
N GLU C 41 -7.38 -18.54 16.65
CA GLU C 41 -6.01 -18.55 16.13
C GLU C 41 -5.13 -17.56 16.88
N LEU C 42 -5.72 -16.42 17.24
CA LEU C 42 -5.06 -15.38 18.00
C LEU C 42 -4.61 -15.93 19.36
N GLU C 43 -5.55 -16.55 20.08
CA GLU C 43 -5.26 -17.14 21.37
C GLU C 43 -4.18 -18.22 21.25
N HIS C 44 -4.32 -19.10 20.26
CA HIS C 44 -3.37 -20.18 19.98
C HIS C 44 -1.94 -19.65 19.74
N MET C 45 -1.83 -18.57 18.97
CA MET C 45 -0.54 -18.00 18.58
C MET C 45 0.16 -17.34 19.76
N VAL C 46 -0.60 -16.62 20.58
CA VAL C 46 -0.06 -16.02 21.80
C VAL C 46 0.57 -17.10 22.69
N ARG C 47 -0.20 -18.16 22.96
CA ARG C 47 0.29 -19.33 23.70
C ARG C 47 1.57 -19.91 23.11
N LYS C 48 1.61 -20.11 21.79
CA LYS C 48 2.77 -20.69 21.11
C LYS C 48 4.02 -19.86 21.29
N ILE C 49 3.88 -18.56 21.07
CA ILE C 49 4.99 -17.63 21.16
C ILE C 49 5.54 -17.57 22.59
N LEU C 50 4.63 -17.51 23.56
CA LEU C 50 5.03 -17.35 24.95
C LEU C 50 5.68 -18.62 25.53
N ASN C 51 5.41 -19.78 24.94
CA ASN C 51 6.00 -21.03 25.43
C ASN C 51 7.14 -21.59 24.57
N LEU C 52 7.38 -20.94 23.43
CA LEU C 52 8.38 -21.38 22.47
C LEU C 52 9.73 -21.48 23.19
N ARG C 53 10.28 -22.69 23.24
CA ARG C 53 11.52 -22.96 23.98
C ARG C 53 12.77 -22.67 23.16
N VAL C 54 13.08 -21.40 23.05
CA VAL C 54 14.11 -20.92 22.18
C VAL C 54 15.35 -20.49 22.99
N PHE C 55 15.20 -20.45 24.31
CA PHE C 55 16.27 -20.05 25.22
C PHE C 55 16.93 -21.20 25.94
N GLU C 56 18.14 -20.94 26.42
CA GLU C 56 18.87 -21.90 27.22
C GLU C 56 18.45 -21.85 28.68
N ASP C 57 18.69 -22.93 29.42
CA ASP C 57 18.57 -22.90 30.88
C ASP C 57 19.81 -22.28 31.50
N GLU C 58 19.91 -22.35 32.83
CA GLU C 58 21.03 -21.69 33.49
C GLU C 58 22.28 -22.58 33.50
N SER C 59 22.16 -23.78 32.92
CA SER C 59 23.30 -24.67 32.68
C SER C 59 23.77 -24.61 31.21
N GLY C 60 23.13 -23.74 30.43
CA GLY C 60 23.43 -23.61 28.99
C GLY C 60 22.80 -24.68 28.08
N LYS C 61 21.83 -25.42 28.61
CA LYS C 61 21.16 -26.44 27.81
C LYS C 61 20.23 -25.77 26.78
N HIS C 62 20.48 -26.06 25.52
CA HIS C 62 19.74 -25.47 24.39
C HIS C 62 18.28 -25.91 24.36
N TRP C 63 17.43 -25.07 23.79
CA TRP C 63 16.02 -25.40 23.53
C TRP C 63 15.23 -25.79 24.76
N SER C 64 15.46 -25.10 25.88
CA SER C 64 14.89 -25.59 27.14
C SER C 64 13.96 -24.61 27.83
N LYS C 65 14.03 -23.32 27.48
CA LYS C 65 13.30 -22.29 28.23
C LYS C 65 12.59 -21.32 27.30
N SER C 66 11.40 -20.88 27.70
CA SER C 66 10.65 -19.89 26.95
C SER C 66 11.06 -18.46 27.34
N VAL C 67 10.53 -17.49 26.58
CA VAL C 67 10.66 -16.06 26.91
C VAL C 67 10.16 -15.78 28.35
N MET C 68 9.06 -16.41 28.76
CA MET C 68 8.50 -16.17 30.08
C MET C 68 9.36 -16.83 31.15
N ASP C 69 9.85 -18.04 30.85
CA ASP C 69 10.77 -18.72 31.76
C ASP C 69 11.94 -17.81 32.13
N LYS C 70 12.47 -17.12 31.13
CA LYS C 70 13.64 -16.25 31.27
C LYS C 70 13.29 -14.84 31.73
N GLN C 71 12.00 -14.50 31.70
CA GLN C 71 11.50 -13.14 31.95
C GLN C 71 12.11 -12.14 31.00
N TYR C 72 12.13 -12.51 29.72
CA TYR C 72 12.74 -11.72 28.69
C TYR C 72 11.65 -10.92 27.96
N GLU C 73 12.07 -10.10 27.01
CA GLU C 73 11.17 -9.13 26.35
C GLU C 73 10.69 -9.58 24.97
N ILE C 74 9.60 -8.97 24.54
CA ILE C 74 9.01 -9.24 23.24
C ILE C 74 8.75 -7.94 22.49
N LEU C 75 9.27 -7.87 21.27
CA LEU C 75 8.97 -6.77 20.37
C LEU C 75 8.14 -7.34 19.21
N CYS C 76 6.89 -6.88 19.09
CA CYS C 76 5.97 -7.43 18.10
C CYS C 76 5.69 -6.36 17.04
N VAL C 77 5.88 -6.73 15.78
CA VAL C 77 5.65 -5.79 14.66
C VAL C 77 4.73 -6.46 13.66
N SER C 78 3.73 -5.71 13.16
CA SER C 78 2.80 -6.20 12.17
C SER C 78 3.51 -6.33 10.83
N GLN C 79 3.25 -7.44 10.14
CA GLN C 79 3.94 -7.77 8.90
C GLN C 79 3.03 -8.60 8.01
N PHE C 80 2.42 -7.93 7.04
CA PHE C 80 1.43 -8.55 6.15
C PHE C 80 2.04 -9.35 5.00
N THR C 81 3.35 -9.25 4.82
CA THR C 81 4.04 -9.91 3.71
C THR C 81 4.32 -11.41 3.93
N LEU C 82 3.98 -11.94 5.09
CA LEU C 82 4.31 -13.33 5.43
C LEU C 82 3.59 -14.46 4.68
N GLN C 83 2.59 -14.13 3.88
CA GLN C 83 1.80 -15.14 3.18
C GLN C 83 2.60 -15.84 2.05
N CYS C 84 2.11 -16.99 1.60
CA CYS C 84 2.84 -17.80 0.63
C CYS C 84 3.00 -17.09 -0.70
N VAL C 85 4.23 -17.09 -1.23
CA VAL C 85 4.52 -16.52 -2.55
C VAL C 85 4.28 -17.57 -3.64
N LEU C 86 4.87 -18.75 -3.49
CA LEU C 86 4.67 -19.87 -4.42
C LEU C 86 5.06 -19.57 -5.85
N LYS C 87 4.05 -19.46 -6.72
CA LYS C 87 4.24 -18.97 -8.08
C LYS C 87 4.37 -17.44 -8.03
N GLY C 88 5.05 -16.87 -9.02
CA GLY C 88 5.32 -15.44 -9.05
C GLY C 88 6.46 -15.05 -8.12
N ASN C 89 6.91 -13.80 -8.24
CA ASN C 89 8.12 -13.36 -7.55
C ASN C 89 7.93 -12.13 -6.68
N LYS C 90 6.93 -12.18 -5.80
CA LYS C 90 6.55 -11.07 -4.89
C LYS C 90 5.40 -11.54 -4.00
N PRO C 91 5.01 -10.75 -2.96
CA PRO C 91 3.66 -10.99 -2.42
C PRO C 91 2.64 -10.65 -3.51
N ASP C 92 1.42 -11.23 -3.57
CA ASP C 92 0.75 -12.15 -2.60
C ASP C 92 0.19 -11.52 -1.31
N PHE C 93 -0.69 -10.54 -1.51
CA PHE C 93 -1.41 -9.94 -0.41
C PHE C 93 -2.86 -10.45 -0.32
N HIS C 94 -3.29 -11.23 -1.31
CA HIS C 94 -4.71 -11.62 -1.41
C HIS C 94 -5.18 -12.51 -0.25
N LEU C 95 -4.26 -13.28 0.34
CA LEU C 95 -4.60 -14.06 1.52
C LEU C 95 -4.39 -13.29 2.84
N ALA C 96 -3.79 -12.11 2.77
CA ALA C 96 -3.62 -11.27 3.96
C ALA C 96 -4.95 -10.56 4.29
N MET C 97 -5.30 -10.50 5.57
CA MET C 97 -6.51 -9.75 5.98
C MET C 97 -6.30 -8.28 5.65
N PRO C 98 -7.29 -7.64 4.99
CA PRO C 98 -7.16 -6.22 4.67
C PRO C 98 -6.78 -5.38 5.88
N THR C 99 -5.93 -4.39 5.66
CA THR C 99 -5.27 -3.61 6.71
C THR C 99 -6.28 -3.04 7.72
N GLU C 100 -7.52 -2.89 7.27
CA GLU C 100 -8.64 -2.35 8.04
C GLU C 100 -9.05 -3.18 9.24
N GLN C 101 -9.51 -4.41 8.99
CA GLN C 101 -9.88 -5.34 10.07
C GLN C 101 -8.70 -6.03 10.73
N ALA C 102 -7.56 -6.08 10.03
CA ALA C 102 -6.35 -6.67 10.58
C ALA C 102 -5.80 -5.87 11.77
N GLU C 103 -5.98 -4.55 11.72
CA GLU C 103 -5.48 -3.68 12.79
C GLU C 103 -6.14 -3.97 14.12
N GLY C 104 -7.43 -4.26 14.08
CA GLY C 104 -8.18 -4.68 15.25
C GLY C 104 -7.69 -6.00 15.80
N PHE C 105 -7.40 -6.95 14.92
CA PHE C 105 -6.81 -8.24 15.30
C PHE C 105 -5.43 -8.05 15.90
N TYR C 106 -4.62 -7.21 15.28
CA TYR C 106 -3.26 -6.98 15.75
C TYR C 106 -3.26 -6.40 17.17
N ASN C 107 -4.07 -5.37 17.39
CA ASN C 107 -4.18 -4.74 18.71
C ASN C 107 -4.75 -5.71 19.74
N SER C 108 -5.72 -6.51 19.33
CA SER C 108 -6.25 -7.60 20.14
C SER C 108 -5.18 -8.61 20.55
N PHE C 109 -4.27 -8.88 19.62
CA PHE C 109 -3.17 -9.79 19.86
C PHE C 109 -2.19 -9.24 20.93
N LEU C 110 -1.90 -7.94 20.83
CA LEU C 110 -1.02 -7.29 21.79
C LEU C 110 -1.69 -7.23 23.17
N GLU C 111 -2.96 -6.91 23.21
CA GLU C 111 -3.65 -6.87 24.50
C GLU C 111 -3.68 -8.27 25.15
N GLN C 112 -3.86 -9.32 24.35
CA GLN C 112 -3.79 -10.72 24.84
C GLN C 112 -2.39 -11.08 25.33
N LEU C 113 -1.38 -10.67 24.57
CA LEU C 113 0.01 -10.90 24.95
C LEU C 113 0.28 -10.25 26.31
N ARG C 114 -0.16 -9.01 26.48
CA ARG C 114 0.06 -8.25 27.71
C ARG C 114 -0.68 -8.87 28.91
N LYS C 115 -1.95 -9.21 28.70
CA LYS C 115 -2.75 -9.84 29.74
C LYS C 115 -2.17 -11.19 30.22
N THR C 116 -1.63 -11.98 29.29
CA THR C 116 -1.17 -13.32 29.62
C THR C 116 0.31 -13.37 30.04
N TYR C 117 1.07 -12.30 29.75
CA TYR C 117 2.47 -12.17 30.19
C TYR C 117 2.67 -10.94 31.09
N ARG C 118 3.67 -10.12 30.81
CA ARG C 118 3.97 -8.94 31.61
C ARG C 118 3.96 -7.73 30.68
N PRO C 119 2.98 -6.83 30.85
CA PRO C 119 2.83 -5.67 29.98
C PRO C 119 4.11 -4.82 29.80
N GLU C 120 4.91 -4.65 30.86
CA GLU C 120 6.13 -3.83 30.77
C GLU C 120 7.26 -4.50 29.99
N LEU C 121 7.11 -5.79 29.69
CA LEU C 121 8.12 -6.51 28.90
C LEU C 121 7.71 -6.64 27.45
N ILE C 122 6.63 -5.97 27.07
CA ILE C 122 6.09 -6.04 25.71
C ILE C 122 6.12 -4.67 25.01
N LYS C 123 6.71 -4.65 23.82
CA LYS C 123 6.85 -3.43 23.03
C LYS C 123 6.37 -3.72 21.62
N ASP C 124 5.96 -2.67 20.91
CA ASP C 124 5.52 -2.88 19.54
C ASP C 124 6.09 -1.78 18.64
N GLY C 125 5.91 -1.91 17.33
CA GLY C 125 6.27 -0.84 16.43
C GLY C 125 5.18 0.20 16.36
N LYS C 126 4.91 0.67 15.14
CA LYS C 126 3.84 1.64 14.92
C LYS C 126 3.07 1.20 13.67
N PHE C 127 1.90 0.61 13.92
CA PHE C 127 1.13 -0.09 12.90
C PHE C 127 1.07 0.64 11.55
N GLY C 128 0.69 1.90 11.52
CA GLY C 128 0.67 2.56 10.19
C GLY C 128 2.01 2.64 9.43
N ALA C 129 3.09 2.75 10.19
CA ALA C 129 4.30 3.43 9.77
C ALA C 129 5.29 2.68 8.90
N TYR C 130 6.11 3.44 8.18
CA TYR C 130 7.31 2.95 7.53
C TYR C 130 8.42 2.86 8.57
N MET C 131 8.75 1.62 8.95
CA MET C 131 9.66 1.34 10.06
C MET C 131 10.97 0.74 9.57
N GLN C 132 12.07 1.10 10.23
CA GLN C 132 13.27 0.26 10.28
C GLN C 132 13.23 -0.60 11.52
N VAL C 133 13.26 -1.92 11.36
CA VAL C 133 13.21 -2.81 12.52
C VAL C 133 14.60 -3.37 12.68
N HIS C 134 15.31 -2.88 13.70
CA HIS C 134 16.69 -3.29 13.90
C HIS C 134 16.62 -4.56 14.73
N ILE C 135 17.14 -5.64 14.17
CA ILE C 135 17.03 -6.95 14.85
C ILE C 135 18.42 -7.54 15.01
N GLN C 136 18.87 -7.70 16.26
CA GLN C 136 20.17 -8.36 16.52
C GLN C 136 19.83 -9.80 16.82
N ASN C 137 19.76 -10.60 15.77
CA ASN C 137 19.39 -11.99 15.86
C ASN C 137 20.53 -12.76 16.51
N ASP C 138 20.20 -13.36 17.66
CA ASP C 138 21.12 -14.00 18.58
C ASP C 138 21.29 -15.49 18.26
N GLY C 139 22.32 -15.84 17.50
CA GLY C 139 22.54 -17.26 17.14
C GLY C 139 23.12 -17.43 15.75
N PRO C 140 22.32 -17.14 14.69
CA PRO C 140 20.94 -16.67 14.77
C PRO C 140 19.97 -17.79 15.17
N VAL C 141 18.79 -17.43 15.65
CA VAL C 141 17.75 -18.43 15.91
C VAL C 141 16.47 -17.83 15.36
N THR C 142 15.84 -18.54 14.41
CA THR C 142 14.64 -18.06 13.72
C THR C 142 13.65 -19.21 13.55
N ILE C 143 12.41 -18.98 13.95
CA ILE C 143 11.38 -20.01 13.92
C ILE C 143 10.16 -19.46 13.18
N GLU C 144 9.57 -20.27 12.32
CA GLU C 144 8.31 -19.91 11.66
C GLU C 144 7.15 -20.59 12.36
N LEU C 145 6.12 -19.80 12.69
CA LEU C 145 4.93 -20.34 13.33
C LEU C 145 3.71 -20.08 12.46
N GLU C 146 2.74 -20.99 12.55
CA GLU C 146 1.49 -20.90 11.82
C GLU C 146 0.41 -21.51 12.71
N SER C 147 -0.67 -20.78 12.93
CA SER C 147 -1.65 -21.18 13.95
C SER C 147 -2.83 -22.03 13.47
N PRO C 148 -3.51 -21.63 12.37
CA PRO C 148 -4.56 -22.53 11.90
C PRO C 148 -4.05 -23.96 11.68
N ALA C 149 -2.74 -24.10 11.43
CA ALA C 149 -2.06 -25.39 11.21
C ALA C 149 -0.95 -25.29 10.16
N MET D 1 13.72 -27.35 1.40
CA MET D 1 14.48 -26.12 1.70
C MET D 1 13.53 -24.98 2.02
N LYS D 2 13.87 -24.25 3.08
CA LYS D 2 13.13 -23.08 3.50
C LYS D 2 14.07 -21.89 3.61
N ALA D 3 13.54 -20.69 3.39
CA ALA D 3 14.32 -19.48 3.58
C ALA D 3 13.42 -18.38 4.16
N VAL D 4 13.96 -17.60 5.08
CA VAL D 4 13.34 -16.34 5.48
C VAL D 4 14.19 -15.22 4.89
N VAL D 5 13.53 -14.37 4.12
CA VAL D 5 14.17 -13.29 3.39
C VAL D 5 13.72 -11.94 3.98
N GLN D 6 14.67 -11.14 4.43
CA GLN D 6 14.33 -9.84 4.99
C GLN D 6 14.99 -8.76 4.14
N ARG D 7 14.21 -7.76 3.76
CA ARG D 7 14.74 -6.65 2.98
C ARG D 7 15.46 -5.77 3.97
N VAL D 8 16.69 -5.38 3.66
CA VAL D 8 17.49 -4.60 4.62
C VAL D 8 18.03 -3.27 4.07
N THR D 9 18.14 -2.27 4.93
CA THR D 9 18.92 -1.10 4.50
C THR D 9 20.41 -1.37 4.74
N ARG D 10 20.70 -2.25 5.71
CA ARG D 10 22.03 -2.79 5.96
C ARG D 10 21.91 -4.04 6.84
N ALA D 11 22.98 -4.85 6.87
CA ALA D 11 23.01 -6.05 7.70
C ALA D 11 24.46 -6.44 7.92
N SER D 12 24.74 -7.10 9.02
CA SER D 12 26.09 -7.59 9.25
C SER D 12 26.13 -8.81 10.16
N VAL D 13 27.25 -9.50 10.12
CA VAL D 13 27.45 -10.64 11.01
C VAL D 13 28.67 -10.36 11.85
N THR D 14 28.51 -10.58 13.15
CA THR D 14 29.63 -10.50 14.07
C THR D 14 29.76 -11.84 14.84
N VAL D 15 30.99 -12.19 15.21
CA VAL D 15 31.29 -13.40 15.98
C VAL D 15 32.20 -12.96 17.12
N GLY D 16 31.66 -12.99 18.34
CA GLY D 16 32.38 -12.53 19.53
C GLY D 16 32.75 -11.06 19.46
N GLY D 17 32.01 -10.28 18.68
CA GLY D 17 32.31 -8.87 18.52
C GLY D 17 33.20 -8.55 17.32
N GLU D 18 33.78 -9.59 16.71
CA GLU D 18 34.55 -9.48 15.46
C GLU D 18 33.61 -9.36 14.26
N GLN D 19 33.76 -8.28 13.51
CA GLN D 19 32.93 -8.06 12.33
C GLN D 19 33.38 -9.02 11.25
N ILE D 20 32.50 -9.94 10.86
CA ILE D 20 32.78 -10.96 9.84
C ILE D 20 32.46 -10.44 8.42
N SER D 21 31.26 -9.88 8.25
CA SER D 21 30.84 -9.38 6.96
C SER D 21 29.74 -8.36 7.18
N ALA D 22 29.42 -7.61 6.14
CA ALA D 22 28.45 -6.54 6.24
C ALA D 22 28.00 -6.20 4.83
N ILE D 23 26.73 -5.84 4.70
CA ILE D 23 26.18 -5.36 3.43
C ILE D 23 25.43 -4.05 3.65
N GLY D 24 25.19 -3.34 2.56
CA GLY D 24 24.35 -2.15 2.60
C GLY D 24 22.96 -2.56 2.18
N ARG D 25 22.34 -1.80 1.30
CA ARG D 25 20.99 -2.12 0.87
C ARG D 25 20.97 -3.47 0.15
N GLY D 26 19.94 -4.26 0.44
CA GLY D 26 19.76 -5.54 -0.20
C GLY D 26 18.88 -6.45 0.62
N ILE D 27 19.33 -7.68 0.77
CA ILE D 27 18.49 -8.75 1.35
C ILE D 27 19.36 -9.63 2.27
N CYS D 28 18.82 -9.97 3.45
CA CYS D 28 19.41 -10.96 4.34
C CYS D 28 18.57 -12.23 4.27
N VAL D 29 19.21 -13.34 3.93
CA VAL D 29 18.54 -14.61 3.75
C VAL D 29 18.97 -15.55 4.86
N LEU D 30 18.00 -16.07 5.59
CA LEU D 30 18.27 -17.10 6.59
C LEU D 30 17.87 -18.41 5.95
N LEU D 31 18.84 -19.31 5.77
CA LEU D 31 18.64 -20.52 4.94
C LEU D 31 18.54 -21.84 5.70
N GLY D 32 17.38 -22.50 5.58
CA GLY D 32 17.12 -23.76 6.29
C GLY D 32 17.16 -24.97 5.38
N ILE D 33 18.23 -25.76 5.49
CA ILE D 33 18.43 -26.92 4.61
C ILE D 33 17.93 -28.20 5.27
N SER D 34 17.02 -28.89 4.57
CA SER D 34 16.45 -30.13 5.08
C SER D 34 17.21 -31.34 4.58
N LEU D 35 17.09 -32.44 5.35
CA LEU D 35 17.62 -33.76 4.99
C LEU D 35 17.28 -34.16 3.57
N GLU D 36 16.06 -33.82 3.15
CA GLU D 36 15.53 -34.27 1.86
C GLU D 36 16.03 -33.43 0.69
N ASP D 37 16.75 -32.34 0.99
CA ASP D 37 17.16 -31.38 -0.03
C ASP D 37 18.17 -31.95 -1.03
N THR D 38 18.09 -31.47 -2.26
CA THR D 38 18.85 -32.04 -3.34
C THR D 38 19.39 -30.90 -4.22
N GLN D 39 20.13 -31.20 -5.28
CA GLN D 39 20.60 -30.17 -6.22
C GLN D 39 19.42 -29.39 -6.79
N LYS D 40 18.32 -30.09 -7.04
CA LYS D 40 17.10 -29.46 -7.55
C LYS D 40 16.61 -28.34 -6.63
N GLU D 41 16.50 -28.61 -5.33
CA GLU D 41 15.99 -27.54 -4.45
C GLU D 41 17.03 -26.43 -4.29
N LEU D 42 18.31 -26.79 -4.31
CA LEU D 42 19.40 -25.83 -4.25
C LEU D 42 19.25 -24.81 -5.40
N GLU D 43 19.20 -25.32 -6.63
CA GLU D 43 19.07 -24.48 -7.83
C GLU D 43 17.76 -23.68 -7.87
N HIS D 44 16.67 -24.33 -7.49
CA HIS D 44 15.37 -23.65 -7.40
C HIS D 44 15.34 -22.52 -6.37
N MET D 45 15.94 -22.74 -5.19
CA MET D 45 15.96 -21.70 -4.17
C MET D 45 16.85 -20.53 -4.59
N VAL D 46 18.01 -20.82 -5.20
CA VAL D 46 18.85 -19.74 -5.74
C VAL D 46 18.02 -18.83 -6.68
N ARG D 47 17.32 -19.47 -7.63
CA ARG D 47 16.52 -18.74 -8.62
C ARG D 47 15.45 -17.87 -7.94
N LYS D 48 14.74 -18.43 -6.97
CA LYS D 48 13.67 -17.71 -6.25
C LYS D 48 14.23 -16.48 -5.54
N ILE D 49 15.37 -16.63 -4.89
CA ILE D 49 15.97 -15.53 -4.10
C ILE D 49 16.41 -14.39 -5.02
N LEU D 50 17.04 -14.74 -6.13
CA LEU D 50 17.64 -13.76 -7.03
C LEU D 50 16.59 -12.99 -7.80
N ASN D 51 15.42 -13.60 -7.95
CA ASN D 51 14.33 -13.06 -8.74
C ASN D 51 13.20 -12.42 -7.92
N LEU D 52 13.29 -12.57 -6.60
CA LEU D 52 12.28 -12.08 -5.67
C LEU D 52 12.17 -10.55 -5.69
N ARG D 53 11.00 -10.06 -6.09
CA ARG D 53 10.74 -8.63 -6.30
C ARG D 53 10.29 -7.93 -5.02
N VAL D 54 11.28 -7.47 -4.29
CA VAL D 54 11.07 -6.90 -2.97
C VAL D 54 11.37 -5.39 -2.96
N PHE D 55 11.90 -4.90 -4.09
CA PHE D 55 12.35 -3.51 -4.20
C PHE D 55 11.44 -2.67 -5.07
N GLU D 56 11.43 -1.36 -4.81
CA GLU D 56 10.65 -0.41 -5.61
C GLU D 56 11.40 -0.04 -6.89
N ASP D 57 10.67 0.35 -7.93
CA ASP D 57 11.26 1.02 -9.08
C ASP D 57 11.45 2.54 -8.84
N GLU D 58 11.99 3.23 -9.84
CA GLU D 58 12.29 4.66 -9.76
C GLU D 58 11.06 5.56 -9.54
N SER D 59 9.89 5.13 -10.03
CA SER D 59 8.61 5.79 -9.72
C SER D 59 8.14 5.52 -8.28
N GLY D 60 8.75 4.52 -7.64
CA GLY D 60 8.39 4.19 -6.27
C GLY D 60 7.32 3.09 -6.13
N LYS D 61 6.92 2.54 -7.31
CA LYS D 61 6.03 1.37 -7.33
C LYS D 61 6.67 0.20 -6.57
N HIS D 62 5.93 -0.39 -5.64
CA HIS D 62 6.43 -1.50 -4.81
C HIS D 62 6.51 -2.80 -5.62
N TRP D 63 7.37 -3.73 -5.17
CA TRP D 63 7.41 -5.10 -5.70
C TRP D 63 7.73 -5.17 -7.20
N SER D 64 8.57 -4.27 -7.69
CA SER D 64 8.88 -4.26 -9.13
C SER D 64 10.33 -4.65 -9.48
N LYS D 65 11.21 -4.73 -8.50
CA LYS D 65 12.62 -5.01 -8.76
C LYS D 65 13.19 -6.06 -7.82
N SER D 66 13.95 -7.00 -8.37
CA SER D 66 14.70 -7.96 -7.53
C SER D 66 16.02 -7.37 -7.05
N VAL D 67 16.70 -8.10 -6.17
CA VAL D 67 18.02 -7.71 -5.71
C VAL D 67 18.99 -7.53 -6.88
N MET D 68 18.84 -8.35 -7.92
CA MET D 68 19.74 -8.30 -9.08
C MET D 68 19.45 -7.09 -9.98
N ASP D 69 18.17 -6.76 -10.14
CA ASP D 69 17.74 -5.53 -10.82
C ASP D 69 18.35 -4.28 -10.21
N LYS D 70 18.42 -4.25 -8.87
CA LYS D 70 18.94 -3.11 -8.12
C LYS D 70 20.47 -3.13 -8.02
N GLN D 71 21.08 -4.26 -8.39
CA GLN D 71 22.49 -4.52 -8.16
C GLN D 71 22.82 -4.30 -6.68
N TYR D 72 21.92 -4.79 -5.82
CA TYR D 72 22.07 -4.70 -4.38
C TYR D 72 22.73 -5.99 -3.83
N GLU D 73 22.96 -6.04 -2.53
CA GLU D 73 23.77 -7.12 -1.94
C GLU D 73 22.90 -8.20 -1.28
N ILE D 74 23.50 -9.37 -1.06
CA ILE D 74 22.83 -10.46 -0.39
C ILE D 74 23.69 -10.94 0.77
N LEU D 75 23.13 -10.97 1.97
CA LEU D 75 23.79 -11.61 3.11
C LEU D 75 23.09 -12.93 3.44
N CYS D 76 23.77 -14.05 3.23
CA CYS D 76 23.19 -15.38 3.54
C CYS D 76 23.77 -15.96 4.80
N VAL D 77 22.91 -16.50 5.64
CA VAL D 77 23.36 -17.18 6.85
C VAL D 77 22.61 -18.50 6.95
N SER D 78 23.31 -19.59 7.24
CA SER D 78 22.63 -20.89 7.41
C SER D 78 21.90 -20.90 8.74
N GLN D 79 20.69 -21.46 8.72
CA GLN D 79 19.75 -21.37 9.82
C GLN D 79 18.92 -22.64 9.83
N PHE D 80 19.46 -23.69 10.45
CA PHE D 80 18.80 -25.00 10.49
C PHE D 80 17.51 -25.00 11.30
N THR D 81 17.33 -23.98 12.15
CA THR D 81 16.17 -23.89 13.03
C THR D 81 14.84 -23.73 12.27
N LEU D 82 14.91 -23.23 11.04
CA LEU D 82 13.73 -23.12 10.17
C LEU D 82 13.13 -24.50 9.85
N GLN D 83 13.95 -25.54 10.00
CA GLN D 83 13.52 -26.93 9.85
C GLN D 83 13.09 -27.52 11.20
N CYS D 84 12.07 -26.93 11.79
CA CYS D 84 11.57 -27.33 13.09
C CYS D 84 10.17 -27.90 12.95
N VAL D 85 9.84 -28.93 13.72
CA VAL D 85 8.47 -29.45 13.71
C VAL D 85 7.58 -28.74 14.74
N LEU D 86 7.67 -29.12 16.02
CA LEU D 86 6.82 -28.54 17.04
C LEU D 86 5.90 -29.57 17.69
N LYS D 87 4.60 -29.41 17.47
CA LYS D 87 3.53 -30.20 18.13
C LYS D 87 3.64 -30.13 19.65
N GLY D 88 4.32 -29.09 20.12
CA GLY D 88 4.72 -28.90 21.49
C GLY D 88 5.75 -27.79 21.50
N ASN D 89 5.93 -27.14 22.65
CA ASN D 89 6.84 -25.99 22.78
C ASN D 89 8.30 -26.27 22.47
N LYS D 90 8.72 -27.53 22.67
CA LYS D 90 10.07 -27.98 22.36
C LYS D 90 10.27 -28.11 20.85
N PRO D 91 11.23 -27.37 20.28
CA PRO D 91 11.59 -27.62 18.88
C PRO D 91 12.35 -28.94 18.71
N ASP D 92 12.10 -29.64 17.60
CA ASP D 92 12.84 -30.84 17.23
C ASP D 92 13.37 -30.66 15.81
N PHE D 93 14.66 -30.94 15.61
CA PHE D 93 15.33 -30.58 14.35
C PHE D 93 15.68 -31.79 13.48
N HIS D 94 14.92 -32.87 13.60
CA HIS D 94 15.18 -34.10 12.85
C HIS D 94 15.07 -33.95 11.33
N LEU D 95 14.34 -32.93 10.88
CA LEU D 95 14.16 -32.64 9.45
C LEU D 95 15.32 -31.86 8.85
N ALA D 96 16.11 -31.21 9.70
CA ALA D 96 17.29 -30.49 9.22
C ALA D 96 18.40 -31.48 8.84
N MET D 97 19.08 -31.18 7.74
CA MET D 97 20.28 -31.92 7.34
C MET D 97 21.38 -31.79 8.41
N PRO D 98 21.98 -32.91 8.83
CA PRO D 98 23.11 -32.93 9.77
C PRO D 98 24.24 -31.98 9.35
N THR D 99 24.87 -31.34 10.35
CA THR D 99 25.87 -30.30 10.12
C THR D 99 27.06 -30.68 9.20
N GLU D 100 27.40 -31.98 9.18
CA GLU D 100 28.52 -32.46 8.38
C GLU D 100 28.24 -32.42 6.87
N GLN D 101 27.04 -32.83 6.47
CA GLN D 101 26.64 -32.74 5.07
C GLN D 101 26.17 -31.33 4.75
N ALA D 102 25.52 -30.70 5.72
CA ALA D 102 24.93 -29.39 5.54
C ALA D 102 25.96 -28.31 5.22
N GLU D 103 27.17 -28.39 5.78
CA GLU D 103 28.20 -27.40 5.46
C GLU D 103 28.57 -27.43 3.97
N GLY D 104 28.86 -28.62 3.44
CA GLY D 104 29.12 -28.76 2.00
C GLY D 104 27.96 -28.32 1.12
N PHE D 105 26.74 -28.71 1.50
CA PHE D 105 25.54 -28.26 0.79
C PHE D 105 25.42 -26.73 0.79
N TYR D 106 25.53 -26.13 1.98
CA TYR D 106 25.51 -24.66 2.13
C TYR D 106 26.59 -24.00 1.23
N ASN D 107 27.82 -24.49 1.31
CA ASN D 107 28.91 -23.97 0.49
C ASN D 107 28.59 -24.04 -1.00
N SER D 108 28.11 -25.20 -1.46
CA SER D 108 27.68 -25.35 -2.86
C SER D 108 26.55 -24.38 -3.23
N PHE D 109 25.60 -24.19 -2.31
CA PHE D 109 24.50 -23.25 -2.50
C PHE D 109 25.01 -21.83 -2.69
N LEU D 110 25.93 -21.41 -1.82
CA LEU D 110 26.56 -20.09 -1.92
C LEU D 110 27.31 -19.89 -3.21
N GLU D 111 27.98 -20.95 -3.66
CA GLU D 111 28.73 -20.88 -4.91
C GLU D 111 27.81 -20.73 -6.13
N GLN D 112 26.66 -21.39 -6.10
CA GLN D 112 25.66 -21.29 -7.17
C GLN D 112 25.06 -19.89 -7.23
N LEU D 113 24.84 -19.31 -6.06
CA LEU D 113 24.31 -17.97 -5.93
C LEU D 113 25.29 -16.99 -6.53
N ARG D 114 26.58 -17.16 -6.19
CA ARG D 114 27.65 -16.30 -6.67
C ARG D 114 27.90 -16.42 -8.17
N LYS D 115 27.87 -17.64 -8.70
CA LYS D 115 28.09 -17.81 -10.13
C LYS D 115 26.95 -17.22 -10.97
N THR D 116 25.72 -17.26 -10.46
CA THR D 116 24.64 -16.73 -11.29
C THR D 116 24.27 -15.28 -11.05
N TYR D 117 24.81 -14.70 -9.98
CA TYR D 117 24.73 -13.25 -9.73
C TYR D 117 26.14 -12.67 -9.83
N ARG D 118 26.58 -11.96 -8.80
CA ARG D 118 27.93 -11.40 -8.78
C ARG D 118 28.58 -11.81 -7.45
N PRO D 119 29.77 -12.46 -7.50
CA PRO D 119 30.41 -12.91 -6.26
C PRO D 119 30.62 -11.82 -5.21
N GLU D 120 30.96 -10.61 -5.65
CA GLU D 120 31.33 -9.53 -4.74
C GLU D 120 30.15 -8.94 -3.98
N LEU D 121 28.94 -9.20 -4.45
CA LEU D 121 27.72 -8.69 -3.81
C LEU D 121 27.08 -9.73 -2.90
N ILE D 122 27.71 -10.90 -2.81
CA ILE D 122 27.22 -11.95 -1.93
C ILE D 122 28.18 -12.19 -0.77
N LYS D 123 27.63 -12.09 0.45
CA LYS D 123 28.36 -12.22 1.70
C LYS D 123 27.71 -13.32 2.56
N ASP D 124 28.49 -13.86 3.48
CA ASP D 124 28.09 -15.00 4.27
C ASP D 124 28.37 -14.71 5.74
N GLY D 125 27.72 -15.45 6.62
CA GLY D 125 28.15 -15.50 8.01
C GLY D 125 29.28 -16.50 8.12
N LYS D 126 29.40 -17.14 9.28
CA LYS D 126 30.38 -18.19 9.46
C LYS D 126 29.66 -19.46 9.91
N PHE D 127 29.56 -20.40 8.98
CA PHE D 127 28.62 -21.54 9.05
C PHE D 127 28.17 -22.03 10.45
N GLY D 128 29.08 -22.52 11.26
CA GLY D 128 28.69 -23.13 12.55
C GLY D 128 29.00 -22.32 13.80
N ALA D 129 29.32 -21.05 13.61
CA ALA D 129 29.74 -20.21 14.73
C ALA D 129 28.53 -19.58 15.38
N TYR D 130 28.71 -19.13 16.61
CA TYR D 130 27.68 -18.43 17.32
C TYR D 130 27.77 -16.97 16.89
N MET D 131 26.78 -16.56 16.10
CA MET D 131 26.82 -15.26 15.45
C MET D 131 25.78 -14.34 16.03
N GLN D 132 26.04 -13.04 15.92
CA GLN D 132 25.00 -12.03 16.02
C GLN D 132 24.78 -11.52 14.64
N VAL D 133 23.57 -11.68 14.13
CA VAL D 133 23.24 -11.20 12.81
C VAL D 133 22.44 -9.93 13.00
N HIS D 134 23.07 -8.79 12.69
CA HIS D 134 22.44 -7.49 12.83
C HIS D 134 21.66 -7.24 11.56
N ILE D 135 20.34 -7.16 11.67
CA ILE D 135 19.48 -7.06 10.51
C ILE D 135 18.69 -5.76 10.64
N GLN D 136 18.95 -4.78 9.77
CA GLN D 136 18.12 -3.57 9.77
C GLN D 136 17.01 -3.75 8.73
N ASN D 137 15.91 -4.36 9.17
CA ASN D 137 14.83 -4.73 8.29
C ASN D 137 14.06 -3.49 7.84
N ASP D 138 14.13 -3.22 6.54
CA ASP D 138 13.62 -2.01 5.90
C ASP D 138 12.15 -2.14 5.49
N GLY D 139 11.25 -1.64 6.34
CA GLY D 139 9.81 -1.69 6.05
C GLY D 139 8.91 -1.87 7.27
N PRO D 140 8.97 -3.06 7.93
CA PRO D 140 9.79 -4.21 7.59
C PRO D 140 9.20 -4.91 6.37
N VAL D 141 10.01 -5.68 5.66
CA VAL D 141 9.55 -6.54 4.57
C VAL D 141 10.21 -7.90 4.79
N THR D 142 9.37 -8.93 4.92
CA THR D 142 9.86 -10.29 5.26
C THR D 142 9.09 -11.32 4.46
N ILE D 143 9.80 -12.19 3.75
CA ILE D 143 9.16 -13.17 2.86
C ILE D 143 9.67 -14.56 3.22
N GLU D 144 8.73 -15.50 3.32
CA GLU D 144 9.05 -16.91 3.50
C GLU D 144 9.06 -17.58 2.13
N LEU D 145 10.16 -18.26 1.83
CA LEU D 145 10.31 -19.02 0.59
C LEU D 145 10.51 -20.49 0.95
N GLU D 146 10.01 -21.36 0.08
CA GLU D 146 10.19 -22.78 0.27
C GLU D 146 10.33 -23.38 -1.11
N SER D 147 11.31 -24.27 -1.28
CA SER D 147 11.45 -24.83 -2.60
C SER D 147 10.57 -26.06 -2.77
N PRO D 148 11.02 -27.22 -2.23
CA PRO D 148 10.41 -28.52 -2.53
C PRO D 148 8.92 -28.47 -2.88
N ALA D 149 8.15 -27.60 -2.22
CA ALA D 149 6.70 -27.41 -2.53
C ALA D 149 6.26 -25.94 -2.44
#